data_8T5N
#
_entry.id   8T5N
#
_cell.length_a   126.355
_cell.length_b   126.355
_cell.length_c   129.027
_cell.angle_alpha   90.00
_cell.angle_beta   90.00
_cell.angle_gamma   120.00
#
_symmetry.space_group_name_H-M   'P 61 2 2'
#
loop_
_entity.id
_entity.type
_entity.pdbx_description
1 polymer 'Glycine--tRNA ligase'
2 non-polymer 'MAGNESIUM ION'
3 non-polymer 'CALCIUM ION'
4 non-polymer 1,2-ETHANEDIOL
5 non-polymer GLYCEROL
6 non-polymer IMIDAZOLE
7 non-polymer 'ADENOSINE MONOPHOSPHATE'
8 water water
#
_entity_poly.entity_id   1
_entity_poly.type   'polypeptide(L)'
_entity_poly.pdbx_seq_one_letter_code
;MHHHHHHHHGGGGMHHPVAPVIDTVVNLAKRRGFVYPSGEIYGGTKSAWDYGPLGVELKENIKRQWWRSVVTGRDDVVGI
DSSIILPREVWVASGHVDVFHDPLVESLITHKRYRADHLIEAYEAKHGHPPPNGLADIRDPETGEPGQWTQPREFNMMLK
TYLGPIETEEGLHYLRPETAQGIFVNFANVVTTARKKPPFGIGQIGKSFRNEITPGNFIFRTREFEQMEMEFFVEPATAK
EWHQYWIDNRLQWYIDLGIRRENLRLWEHPKDKLSHYSDRTVDIEYKFGFMGNPWGELEGVANRTDFDLSTHARHSGVDL
SFYDQINDVRYTPYVIEPAAGLTRSFMAFLIDAYTEDEAPNTKGGMDKRTVLRLDPRLAPVKAAVLPLSRHADLSPKARD
LGAELRKCWNIDFDDAGAIGRRYRRQDEVGTPFCVTVDFDSLQDNAVTVRERDAMTQDRVAMSSVADYLAVRLKGS
;
_entity_poly.pdbx_strand_id   A
#
loop_
_chem_comp.id
_chem_comp.type
_chem_comp.name
_chem_comp.formula
AMP non-polymer 'ADENOSINE MONOPHOSPHATE' 'C10 H14 N5 O7 P'
CA non-polymer 'CALCIUM ION' 'Ca 2'
EDO non-polymer 1,2-ETHANEDIOL 'C2 H6 O2'
GOL non-polymer GLYCEROL 'C3 H8 O3'
IMD non-polymer IMIDAZOLE 'C3 H5 N2 1'
MG non-polymer 'MAGNESIUM ION' 'Mg 2'
#
# COMPACT_ATOMS: atom_id res chain seq x y z
N PRO A 20 -2.92 7.05 24.18
CA PRO A 20 -2.81 7.25 22.73
C PRO A 20 -2.25 6.02 22.01
N VAL A 21 -3.14 5.29 21.34
CA VAL A 21 -2.73 4.11 20.59
C VAL A 21 -1.66 4.48 19.55
N ILE A 22 -1.77 5.67 18.94
CA ILE A 22 -0.89 5.97 17.82
C ILE A 22 0.56 5.99 18.27
N ASP A 23 0.87 6.71 19.36
CA ASP A 23 2.25 6.79 19.79
C ASP A 23 2.76 5.41 20.17
N THR A 24 1.92 4.58 20.77
CA THR A 24 2.32 3.24 21.17
C THR A 24 2.68 2.39 19.96
N VAL A 25 1.87 2.50 18.89
CA VAL A 25 2.13 1.80 17.63
C VAL A 25 3.39 2.33 16.97
N VAL A 26 3.58 3.65 16.94
CA VAL A 26 4.79 4.21 16.34
C VAL A 26 6.00 3.70 17.09
N ASN A 27 5.91 3.67 18.43
CA ASN A 27 7.06 3.22 19.20
C ASN A 27 7.38 1.77 18.91
N LEU A 28 6.36 0.93 18.80
N LEU A 28 6.35 0.93 18.81
CA LEU A 28 6.59 -0.46 18.41
CA LEU A 28 6.57 -0.47 18.41
C LEU A 28 7.20 -0.54 17.02
C LEU A 28 7.20 -0.54 17.03
N ALA A 29 6.69 0.26 16.09
CA ALA A 29 7.19 0.22 14.73
C ALA A 29 8.68 0.56 14.67
N LYS A 30 9.12 1.53 15.47
CA LYS A 30 10.54 1.88 15.52
C LYS A 30 11.35 0.80 16.23
N ARG A 31 10.85 0.33 17.37
CA ARG A 31 11.61 -0.61 18.18
C ARG A 31 11.87 -1.91 17.44
N ARG A 32 10.92 -2.35 16.61
CA ARG A 32 11.06 -3.64 15.95
C ARG A 32 11.52 -3.52 14.52
N GLY A 33 11.75 -2.29 14.03
CA GLY A 33 12.28 -2.12 12.69
C GLY A 33 11.26 -2.23 11.59
N PHE A 34 10.01 -1.90 11.87
CA PHE A 34 9.12 -1.58 10.77
C PHE A 34 9.59 -0.29 10.09
N VAL A 35 10.01 0.70 10.89
CA VAL A 35 10.53 1.97 10.39
C VAL A 35 11.71 2.44 11.22
N TYR A 36 12.53 3.29 10.60
CA TYR A 36 13.56 4.08 11.25
C TYR A 36 13.43 5.51 10.77
N PRO A 37 13.72 6.52 11.60
CA PRO A 37 13.81 7.89 11.06
C PRO A 37 14.90 7.95 9.99
N SER A 38 14.57 8.53 8.82
CA SER A 38 15.59 8.61 7.77
C SER A 38 16.74 9.46 8.24
N GLY A 39 17.97 9.00 8.00
CA GLY A 39 19.13 9.79 8.35
C GLY A 39 19.19 10.13 9.82
N GLU A 40 18.73 9.21 10.66
CA GLU A 40 18.67 9.41 12.11
C GLU A 40 20.00 9.89 12.67
N ILE A 41 21.12 9.29 12.26
CA ILE A 41 22.38 9.65 12.90
C ILE A 41 22.82 11.07 12.57
N TYR A 42 22.21 11.69 11.57
CA TYR A 42 22.46 13.08 11.22
C TYR A 42 21.34 14.01 11.67
N GLY A 43 20.42 13.52 12.48
CA GLY A 43 19.36 14.34 13.02
C GLY A 43 18.07 14.26 12.25
N GLY A 44 18.04 13.54 11.15
CA GLY A 44 16.82 13.33 10.41
C GLY A 44 16.44 14.51 9.52
N THR A 45 15.33 14.30 8.81
CA THR A 45 14.66 15.33 8.04
C THR A 45 13.18 15.22 8.30
N LYS A 46 12.50 16.36 8.40
CA LYS A 46 11.13 16.35 8.90
C LYS A 46 10.23 15.46 8.04
N SER A 47 9.57 14.50 8.69
CA SER A 47 8.59 13.61 8.08
C SER A 47 9.21 12.48 7.27
N ALA A 48 10.54 12.31 7.28
CA ALA A 48 11.18 11.29 6.45
C ALA A 48 11.44 10.04 7.29
N TRP A 49 10.83 8.94 6.86
CA TRP A 49 10.94 7.65 7.51
C TRP A 49 11.44 6.62 6.52
N ASP A 50 12.39 5.79 6.97
CA ASP A 50 12.83 4.62 6.24
C ASP A 50 12.03 3.42 6.68
N TYR A 51 11.86 2.44 5.79
CA TYR A 51 11.22 1.17 6.10
C TYR A 51 12.30 0.14 6.42
N GLY A 52 12.26 -0.42 7.63
CA GLY A 52 13.25 -1.38 8.07
C GLY A 52 12.92 -2.78 7.60
N PRO A 53 13.66 -3.77 8.12
CA PRO A 53 13.47 -5.14 7.65
C PRO A 53 12.05 -5.65 7.68
N LEU A 54 11.26 -5.35 8.73
CA LEU A 54 9.88 -5.77 8.75
C LEU A 54 9.01 -4.85 7.92
N GLY A 55 9.34 -3.56 7.87
CA GLY A 55 8.51 -2.61 7.16
C GLY A 55 8.57 -2.80 5.65
N VAL A 56 9.76 -3.09 5.10
CA VAL A 56 9.81 -3.29 3.67
CA VAL A 56 9.88 -3.36 3.67
C VAL A 56 8.95 -4.49 3.27
N GLU A 57 8.89 -5.53 4.11
CA GLU A 57 8.10 -6.71 3.75
C GLU A 57 6.61 -6.41 3.87
N LEU A 58 6.19 -5.70 4.93
CA LEU A 58 4.78 -5.31 5.06
C LEU A 58 4.38 -4.42 3.91
N LYS A 59 5.22 -3.45 3.56
CA LYS A 59 4.89 -2.57 2.44
C LYS A 59 4.77 -3.35 1.13
N GLU A 60 5.70 -4.30 0.89
N GLU A 60 5.69 -4.30 0.88
CA GLU A 60 5.62 -5.11 -0.32
CA GLU A 60 5.59 -5.08 -0.34
C GLU A 60 4.33 -5.93 -0.34
C GLU A 60 4.35 -5.94 -0.35
N ASN A 61 3.93 -6.46 0.82
CA ASN A 61 2.72 -7.26 0.87
C ASN A 61 1.49 -6.43 0.57
N ILE A 62 1.45 -5.18 1.05
CA ILE A 62 0.32 -4.30 0.73
C ILE A 62 0.28 -4.04 -0.77
N LYS A 63 1.44 -3.72 -1.35
CA LYS A 63 1.51 -3.54 -2.81
C LYS A 63 1.02 -4.77 -3.55
N ARG A 64 1.46 -5.96 -3.13
CA ARG A 64 1.04 -7.19 -3.81
C ARG A 64 -0.46 -7.33 -3.78
N GLN A 65 -1.08 -7.04 -2.63
CA GLN A 65 -2.52 -7.23 -2.52
C GLN A 65 -3.28 -6.20 -3.34
N TRP A 66 -2.78 -4.97 -3.41
CA TRP A 66 -3.45 -3.97 -4.23
C TRP A 66 -3.31 -4.32 -5.69
N TRP A 67 -2.09 -4.67 -6.11
CA TRP A 67 -1.85 -4.97 -7.51
C TRP A 67 -2.67 -6.16 -7.97
N ARG A 68 -2.78 -7.18 -7.13
CA ARG A 68 -3.62 -8.33 -7.50
C ARG A 68 -5.10 -7.94 -7.58
N SER A 69 -5.61 -7.20 -6.59
N SER A 69 -5.61 -7.23 -6.57
CA SER A 69 -7.05 -6.90 -6.56
CA SER A 69 -7.02 -6.89 -6.54
C SER A 69 -7.44 -5.93 -7.65
C SER A 69 -7.39 -5.97 -7.69
N VAL A 70 -6.61 -4.90 -7.86
CA VAL A 70 -6.97 -3.83 -8.79
C VAL A 70 -6.44 -4.05 -10.20
N VAL A 71 -5.26 -4.66 -10.37
CA VAL A 71 -4.64 -4.77 -11.69
C VAL A 71 -4.65 -6.21 -12.18
N THR A 72 -3.64 -7.03 -11.85
CA THR A 72 -3.43 -8.28 -12.59
C THR A 72 -4.41 -9.38 -12.25
N GLY A 73 -5.16 -9.27 -11.13
CA GLY A 73 -6.25 -10.19 -10.90
C GLY A 73 -7.48 -9.95 -11.72
N ARG A 74 -7.54 -8.82 -12.41
CA ARG A 74 -8.66 -8.45 -13.27
C ARG A 74 -8.31 -8.64 -14.73
N ASP A 75 -9.34 -8.81 -15.55
CA ASP A 75 -9.11 -8.87 -16.98
C ASP A 75 -9.27 -7.53 -17.67
N ASP A 76 -9.54 -6.44 -16.92
CA ASP A 76 -9.87 -5.16 -17.50
C ASP A 76 -9.01 -4.00 -16.97
N VAL A 77 -7.90 -4.31 -16.30
CA VAL A 77 -6.98 -3.28 -15.82
C VAL A 77 -5.57 -3.73 -16.12
N VAL A 78 -4.74 -2.80 -16.60
CA VAL A 78 -3.33 -3.05 -16.83
C VAL A 78 -2.52 -2.04 -16.02
N GLY A 79 -1.23 -2.34 -15.91
CA GLY A 79 -0.37 -1.49 -15.11
C GLY A 79 0.61 -0.66 -15.91
N ILE A 80 1.18 0.36 -15.25
CA ILE A 80 2.30 1.12 -15.79
C ILE A 80 3.17 1.54 -14.60
N ASP A 81 4.41 1.94 -14.91
CA ASP A 81 5.29 2.56 -13.91
C ASP A 81 5.98 3.73 -14.62
N SER A 82 5.39 4.92 -14.48
CA SER A 82 5.91 6.10 -15.15
C SER A 82 6.88 6.86 -14.25
N SER A 83 7.67 7.72 -14.89
CA SER A 83 8.79 8.38 -14.21
C SER A 83 8.29 9.38 -13.17
N ILE A 84 9.10 9.51 -12.10
CA ILE A 84 8.87 10.58 -11.12
C ILE A 84 9.03 11.95 -11.76
N ILE A 85 10.02 12.12 -12.64
CA ILE A 85 10.30 13.38 -13.31
C ILE A 85 9.79 13.32 -14.75
N LEU A 86 8.72 14.05 -15.03
CA LEU A 86 8.13 14.21 -16.35
C LEU A 86 8.45 15.57 -16.94
N PRO A 87 8.15 15.77 -18.23
CA PRO A 87 8.26 17.12 -18.78
C PRO A 87 7.43 18.10 -17.97
N ARG A 88 7.98 19.30 -17.79
CA ARG A 88 7.35 20.33 -16.97
C ARG A 88 5.93 20.65 -17.43
N GLU A 89 5.68 20.62 -18.74
CA GLU A 89 4.38 21.02 -19.26
C GLU A 89 3.25 20.12 -18.76
N VAL A 90 3.55 18.89 -18.34
CA VAL A 90 2.52 18.03 -17.76
C VAL A 90 1.83 18.75 -16.61
N TRP A 91 2.62 19.43 -15.77
CA TRP A 91 2.10 20.07 -14.57
C TRP A 91 1.50 21.44 -14.83
N VAL A 92 1.75 22.05 -15.99
CA VAL A 92 0.95 23.19 -16.42
C VAL A 92 -0.43 22.71 -16.87
N ALA A 93 -0.47 21.68 -17.73
CA ALA A 93 -1.73 21.17 -18.23
C ALA A 93 -2.63 20.68 -17.10
N SER A 94 -2.05 20.04 -16.08
CA SER A 94 -2.86 19.49 -15.01
C SER A 94 -3.38 20.57 -14.09
N GLY A 95 -2.85 21.79 -14.19
CA GLY A 95 -3.23 22.89 -13.35
C GLY A 95 -2.42 23.01 -12.08
N HIS A 96 -1.41 22.16 -11.89
CA HIS A 96 -0.65 22.22 -10.64
C HIS A 96 0.23 23.46 -10.56
N VAL A 97 0.75 23.95 -11.69
CA VAL A 97 1.58 25.15 -11.63
C VAL A 97 0.78 26.34 -11.15
N ASP A 98 -0.50 26.41 -11.49
CA ASP A 98 -1.27 27.60 -11.17
C ASP A 98 -2.15 27.45 -9.94
N VAL A 99 -2.43 26.22 -9.49
CA VAL A 99 -3.41 26.02 -8.42
C VAL A 99 -2.82 25.31 -7.21
N PHE A 100 -1.74 24.55 -7.34
CA PHE A 100 -1.24 23.70 -6.25
C PHE A 100 -0.39 24.52 -5.28
N HIS A 101 -1.08 25.44 -4.59
CA HIS A 101 -0.44 26.38 -3.68
C HIS A 101 -1.31 26.58 -2.43
N ASP A 102 -0.66 26.66 -1.28
CA ASP A 102 -1.33 26.99 -0.02
C ASP A 102 -0.77 28.31 0.52
N PRO A 103 -1.62 29.22 1.02
CA PRO A 103 -1.13 30.55 1.41
C PRO A 103 -0.03 30.51 2.46
N ARG A 153 0.02 34.87 1.42
CA ARG A 153 1.08 34.63 0.44
C ARG A 153 1.04 33.21 -0.08
N GLU A 154 0.78 33.05 -1.38
CA GLU A 154 0.65 31.72 -1.97
C GLU A 154 2.02 31.06 -2.09
N PHE A 155 2.05 29.76 -1.83
CA PHE A 155 3.29 28.98 -1.85
C PHE A 155 3.02 27.66 -2.56
N ASN A 156 3.70 27.44 -3.68
CA ASN A 156 3.46 26.25 -4.47
C ASN A 156 4.10 25.04 -3.80
N MET A 157 3.35 23.94 -3.77
CA MET A 157 3.76 22.77 -3.01
C MET A 157 4.51 21.73 -3.84
N MET A 158 4.83 22.01 -5.10
CA MET A 158 5.61 21.06 -5.87
C MET A 158 7.10 21.26 -5.60
N LEU A 159 7.83 20.14 -5.56
CA LEU A 159 9.27 20.17 -5.39
C LEU A 159 9.92 20.34 -6.76
N LYS A 160 10.90 21.22 -6.83
CA LYS A 160 11.58 21.55 -8.07
C LYS A 160 12.97 20.92 -8.08
N THR A 161 13.44 20.60 -9.27
CA THR A 161 14.84 20.26 -9.47
C THR A 161 15.25 20.75 -10.84
N TYR A 162 16.57 20.73 -11.11
CA TYR A 162 17.12 21.17 -12.39
C TYR A 162 17.90 20.02 -13.02
N LEU A 163 17.60 19.75 -14.29
CA LEU A 163 18.30 18.73 -15.05
C LEU A 163 19.22 19.35 -16.09
N GLY A 164 20.33 18.67 -16.35
CA GLY A 164 21.31 19.15 -17.30
C GLY A 164 22.33 20.11 -16.72
N PRO A 165 23.17 20.69 -17.59
CA PRO A 165 24.34 21.44 -17.12
C PRO A 165 24.04 22.77 -16.45
N ILE A 166 23.29 23.64 -17.11
CA ILE A 166 23.03 24.98 -16.60
C ILE A 166 21.64 24.99 -15.95
N GLU A 167 21.50 25.79 -14.89
CA GLU A 167 20.21 26.01 -14.28
C GLU A 167 19.48 27.07 -15.11
N THR A 168 18.47 26.63 -15.86
CA THR A 168 17.71 27.52 -16.71
C THR A 168 16.25 27.11 -16.65
N GLU A 169 15.38 27.99 -17.12
CA GLU A 169 13.97 27.64 -17.23
C GLU A 169 13.81 26.35 -18.01
N GLU A 170 14.66 26.13 -19.03
CA GLU A 170 14.59 24.88 -19.78
C GLU A 170 14.97 23.68 -18.93
N GLY A 171 15.86 23.86 -17.94
CA GLY A 171 16.26 22.75 -17.08
C GLY A 171 15.33 22.46 -15.92
N LEU A 172 14.46 23.42 -15.59
CA LEU A 172 13.59 23.27 -14.43
C LEU A 172 12.58 22.16 -14.64
N HIS A 173 12.50 21.26 -13.67
CA HIS A 173 11.50 20.21 -13.67
C HIS A 173 10.89 20.12 -12.29
N TYR A 174 9.66 19.61 -12.22
CA TYR A 174 9.03 19.27 -10.96
C TYR A 174 9.06 17.77 -10.70
N LEU A 175 9.31 17.40 -9.45
CA LEU A 175 9.05 16.04 -9.03
C LEU A 175 7.53 15.87 -8.98
N ARG A 176 7.02 14.71 -9.38
CA ARG A 176 5.57 14.59 -9.49
C ARG A 176 4.92 14.68 -8.11
N PRO A 177 3.85 15.48 -7.95
CA PRO A 177 3.07 15.49 -6.71
C PRO A 177 2.02 14.39 -6.65
N GLU A 178 1.76 13.71 -7.77
CA GLU A 178 0.89 12.54 -7.80
C GLU A 178 1.33 11.67 -8.97
N THR A 179 0.93 10.40 -8.93
CA THR A 179 1.30 9.52 -10.03
C THR A 179 0.30 9.56 -11.19
N ALA A 180 -0.88 10.15 -10.98
CA ALA A 180 -1.96 10.00 -11.95
C ALA A 180 -1.66 10.63 -13.31
N GLN A 181 -0.91 11.74 -13.34
CA GLN A 181 -0.71 12.39 -14.63
C GLN A 181 0.07 11.52 -15.59
N GLY A 182 1.00 10.70 -15.08
CA GLY A 182 1.71 9.78 -15.92
C GLY A 182 0.82 8.71 -16.52
N ILE A 183 -0.30 8.42 -15.86
CA ILE A 183 -1.29 7.52 -16.45
C ILE A 183 -2.04 8.22 -17.59
N PHE A 184 -2.58 9.41 -17.32
CA PHE A 184 -3.40 10.08 -18.34
C PHE A 184 -2.62 10.30 -19.62
N VAL A 185 -1.37 10.77 -19.53
CA VAL A 185 -0.66 11.12 -20.75
C VAL A 185 -0.26 9.87 -21.55
N ASN A 186 -0.40 8.68 -20.96
CA ASN A 186 -0.15 7.42 -21.64
C ASN A 186 -1.42 6.70 -22.08
N PHE A 187 -2.58 7.35 -21.99
CA PHE A 187 -3.83 6.67 -22.31
C PHE A 187 -3.80 6.11 -23.73
N ALA A 188 -3.43 6.93 -24.71
CA ALA A 188 -3.46 6.45 -26.08
C ALA A 188 -2.41 5.36 -26.30
N ASN A 189 -1.24 5.48 -25.65
CA ASN A 189 -0.20 4.45 -25.77
C ASN A 189 -0.69 3.10 -25.27
N VAL A 190 -1.41 3.10 -24.14
CA VAL A 190 -1.89 1.85 -23.56
C VAL A 190 -3.03 1.27 -24.40
N VAL A 191 -3.95 2.12 -24.85
CA VAL A 191 -4.98 1.60 -25.76
C VAL A 191 -4.33 0.87 -26.94
N THR A 192 -3.30 1.48 -27.51
CA THR A 192 -2.64 0.89 -28.68
C THR A 192 -1.97 -0.43 -28.32
N THR A 193 -1.10 -0.43 -27.30
CA THR A 193 -0.25 -1.60 -27.16
C THR A 193 -0.97 -2.72 -26.42
N ALA A 194 -1.88 -2.38 -25.52
CA ALA A 194 -2.61 -3.39 -24.76
C ALA A 194 -3.96 -3.72 -25.38
N ARG A 195 -4.37 -2.99 -26.41
CA ARG A 195 -5.60 -3.27 -27.16
C ARG A 195 -6.81 -3.24 -26.24
N LYS A 196 -6.90 -2.18 -25.46
CA LYS A 196 -7.94 -2.02 -24.46
C LYS A 196 -9.03 -1.10 -25.01
N LYS A 197 -10.24 -1.30 -24.49
CA LYS A 197 -11.41 -0.52 -24.84
C LYS A 197 -12.14 -0.22 -23.54
N PRO A 198 -12.67 0.99 -23.36
CA PRO A 198 -13.49 1.23 -22.18
C PRO A 198 -14.65 0.26 -22.11
N PRO A 199 -15.04 -0.17 -20.90
CA PRO A 199 -14.46 0.19 -19.59
C PRO A 199 -13.19 -0.60 -19.28
N PHE A 200 -12.12 0.10 -18.95
CA PHE A 200 -10.85 -0.53 -18.59
C PHE A 200 -10.05 0.47 -17.79
N GLY A 201 -9.07 -0.04 -17.02
CA GLY A 201 -8.28 0.82 -16.17
C GLY A 201 -6.79 0.67 -16.38
N ILE A 202 -6.07 1.66 -15.84
CA ILE A 202 -4.61 1.67 -15.82
C ILE A 202 -4.22 1.97 -14.39
N GLY A 203 -3.47 1.06 -13.74
CA GLY A 203 -3.04 1.21 -12.36
C GLY A 203 -1.55 1.42 -12.21
N GLN A 204 -1.13 2.03 -11.11
CA GLN A 204 0.26 2.36 -10.90
C GLN A 204 0.52 2.54 -9.41
N ILE A 205 1.69 2.09 -8.96
CA ILE A 205 2.18 2.36 -7.61
C ILE A 205 3.49 3.13 -7.74
N GLY A 206 3.66 4.16 -6.93
CA GLY A 206 4.95 4.82 -6.96
C GLY A 206 5.09 5.99 -6.02
N LYS A 207 6.29 6.57 -6.04
CA LYS A 207 6.66 7.71 -5.21
C LYS A 207 6.05 9.00 -5.72
N SER A 208 5.58 9.82 -4.80
CA SER A 208 5.15 11.18 -5.06
C SER A 208 5.73 12.10 -3.99
N PHE A 209 5.77 13.41 -4.29
CA PHE A 209 6.48 14.38 -3.49
C PHE A 209 5.64 15.64 -3.36
N ARG A 210 5.49 16.14 -2.12
CA ARG A 210 4.77 17.39 -1.89
C ARG A 210 5.44 18.16 -0.79
N ASN A 211 5.59 19.47 -0.98
CA ASN A 211 6.20 20.33 0.03
C ASN A 211 5.16 20.69 1.09
N GLU A 212 4.73 19.66 1.81
CA GLU A 212 3.71 19.82 2.84
C GLU A 212 4.14 20.88 3.83
N ILE A 213 3.21 21.76 4.16
CA ILE A 213 3.53 22.86 5.08
C ILE A 213 3.68 22.33 6.50
N THR A 214 2.81 21.44 6.92
CA THR A 214 2.80 20.91 8.28
C THR A 214 2.76 19.40 8.16
N PRO A 215 3.87 18.78 7.74
CA PRO A 215 3.91 17.32 7.70
C PRO A 215 3.94 16.76 9.12
N GLY A 216 3.82 15.45 9.19
CA GLY A 216 3.79 14.80 10.49
C GLY A 216 2.70 13.76 10.57
N ASN A 217 2.15 13.67 11.78
CA ASN A 217 1.32 12.55 12.19
C ASN A 217 1.94 11.26 11.69
N PHE A 218 3.23 11.02 12.07
CA PHE A 218 3.98 9.81 11.67
C PHE A 218 4.04 9.76 10.15
N ILE A 219 3.57 8.72 9.49
CA ILE A 219 3.68 8.63 8.04
C ILE A 219 2.38 8.99 7.34
N PHE A 220 1.42 9.57 8.05
CA PHE A 220 0.14 9.93 7.44
C PHE A 220 0.30 11.00 6.37
N ARG A 221 1.07 12.04 6.67
CA ARG A 221 1.27 13.16 5.73
C ARG A 221 2.75 13.53 5.68
N THR A 222 3.47 12.98 4.70
CA THR A 222 4.91 13.21 4.58
C THR A 222 5.23 13.90 3.26
N ARG A 223 6.45 14.41 3.15
CA ARG A 223 6.85 15.08 1.92
C ARG A 223 7.17 14.10 0.80
N GLU A 224 7.73 12.94 1.14
CA GLU A 224 8.00 11.84 0.22
C GLU A 224 7.09 10.70 0.65
N PHE A 225 6.28 10.18 -0.26
CA PHE A 225 5.32 9.13 0.05
C PHE A 225 5.07 8.30 -1.18
N GLU A 226 4.31 7.20 -1.02
CA GLU A 226 3.94 6.33 -2.12
C GLU A 226 2.43 6.25 -2.22
N GLN A 227 1.94 6.27 -3.46
CA GLN A 227 0.53 6.18 -3.78
C GLN A 227 0.26 4.94 -4.61
N MET A 228 -1.00 4.51 -4.58
CA MET A 228 -1.49 3.39 -5.39
C MET A 228 -2.72 3.96 -6.09
N GLU A 229 -2.58 4.30 -7.37
CA GLU A 229 -3.62 5.02 -8.08
C GLU A 229 -4.02 4.27 -9.32
N MET A 230 -5.32 4.27 -9.60
CA MET A 230 -5.82 3.66 -10.81
C MET A 230 -6.81 4.62 -11.46
N GLU A 231 -6.77 4.69 -12.78
CA GLU A 231 -7.69 5.52 -13.56
C GLU A 231 -8.53 4.56 -14.39
N PHE A 232 -9.86 4.60 -14.21
CA PHE A 232 -10.76 3.65 -14.85
C PHE A 232 -11.55 4.43 -15.89
N PHE A 233 -11.28 4.14 -17.17
CA PHE A 233 -11.82 4.87 -18.30
C PHE A 233 -13.10 4.21 -18.78
N VAL A 234 -14.17 4.99 -18.84
CA VAL A 234 -15.50 4.45 -19.09
C VAL A 234 -16.24 5.31 -20.12
N GLU A 235 -17.22 4.68 -20.76
CA GLU A 235 -18.18 5.45 -21.54
C GLU A 235 -18.89 6.43 -20.61
N PRO A 236 -19.04 7.69 -21.00
CA PRO A 236 -19.59 8.70 -20.06
C PRO A 236 -20.91 8.31 -19.43
N ALA A 237 -21.84 7.73 -20.19
CA ALA A 237 -23.15 7.40 -19.65
C ALA A 237 -23.11 6.28 -18.62
N THR A 238 -21.98 5.59 -18.46
CA THR A 238 -21.86 4.50 -17.51
C THR A 238 -21.10 4.89 -16.26
N ALA A 239 -20.68 6.16 -16.17
CA ALA A 239 -19.79 6.54 -15.10
C ALA A 239 -20.42 6.39 -13.71
N LYS A 240 -21.72 6.69 -13.56
CA LYS A 240 -22.28 6.67 -12.21
C LYS A 240 -22.29 5.26 -11.62
N GLU A 241 -22.65 4.24 -12.42
CA GLU A 241 -22.62 2.89 -11.88
C GLU A 241 -21.20 2.38 -11.67
N TRP A 242 -20.24 2.77 -12.53
CA TRP A 242 -18.88 2.37 -12.30
C TRP A 242 -18.28 3.07 -11.09
N HIS A 243 -18.67 4.32 -10.85
CA HIS A 243 -18.20 4.98 -9.63
C HIS A 243 -18.64 4.21 -8.41
N GLN A 244 -19.93 3.84 -8.35
CA GLN A 244 -20.43 3.11 -7.19
C GLN A 244 -19.72 1.78 -7.04
N TYR A 245 -19.51 1.06 -8.16
CA TYR A 245 -18.77 -0.19 -8.12
C TYR A 245 -17.41 -0.02 -7.43
N TRP A 246 -16.65 1.00 -7.84
CA TRP A 246 -15.31 1.16 -7.30
C TRP A 246 -15.31 1.65 -5.86
N ILE A 247 -16.27 2.50 -5.47
CA ILE A 247 -16.41 2.86 -4.06
C ILE A 247 -16.58 1.59 -3.24
N ASP A 248 -17.52 0.74 -3.67
CA ASP A 248 -17.87 -0.45 -2.91
C ASP A 248 -16.69 -1.41 -2.87
N ASN A 249 -16.01 -1.58 -4.00
CA ASN A 249 -14.89 -2.53 -4.13
C ASN A 249 -13.70 -2.09 -3.29
N ARG A 250 -13.40 -0.80 -3.30
CA ARG A 250 -12.23 -0.31 -2.58
C ARG A 250 -12.47 -0.32 -1.08
N LEU A 251 -13.69 0.01 -0.63
CA LEU A 251 -13.95 -0.07 0.80
C LEU A 251 -13.78 -1.50 1.29
N GLN A 252 -14.30 -2.46 0.51
CA GLN A 252 -14.29 -3.85 0.92
C GLN A 252 -12.88 -4.39 0.93
N TRP A 253 -11.98 -3.84 0.10
CA TRP A 253 -10.60 -4.30 0.07
C TRP A 253 -9.93 -4.17 1.42
N TYR A 254 -10.14 -3.03 2.10
CA TYR A 254 -9.53 -2.84 3.43
C TYR A 254 -10.12 -3.81 4.44
N ILE A 255 -11.43 -4.04 4.37
CA ILE A 255 -12.09 -4.93 5.31
C ILE A 255 -11.63 -6.36 5.09
N ASP A 256 -11.48 -6.75 3.83
CA ASP A 256 -11.04 -8.11 3.50
C ASP A 256 -9.62 -8.37 4.00
N LEU A 257 -8.81 -7.33 4.05
CA LEU A 257 -7.44 -7.43 4.56
C LEU A 257 -7.33 -7.14 6.05
N GLY A 258 -8.46 -7.06 6.73
CA GLY A 258 -8.50 -7.16 8.18
C GLY A 258 -8.81 -5.90 8.94
N ILE A 259 -8.98 -4.75 8.29
CA ILE A 259 -9.34 -3.56 9.04
C ILE A 259 -10.77 -3.70 9.54
N ARG A 260 -10.98 -3.40 10.82
CA ARG A 260 -12.28 -3.52 11.42
C ARG A 260 -13.23 -2.51 10.81
N ARG A 261 -14.43 -2.97 10.44
CA ARG A 261 -15.31 -2.12 9.64
C ARG A 261 -15.77 -0.90 10.42
N GLU A 262 -15.81 -0.97 11.76
CA GLU A 262 -16.25 0.19 12.56
C GLU A 262 -15.22 1.30 12.57
N ASN A 263 -14.01 1.03 12.08
CA ASN A 263 -12.96 2.04 12.00
C ASN A 263 -12.82 2.59 10.60
N LEU A 264 -13.76 2.29 9.72
CA LEU A 264 -13.83 2.82 8.36
C LEU A 264 -15.18 3.49 8.15
N ARG A 265 -15.18 4.51 7.30
CA ARG A 265 -16.44 5.13 6.94
C ARG A 265 -16.28 5.79 5.58
N LEU A 266 -17.39 6.12 4.96
CA LEU A 266 -17.38 6.85 3.70
C LEU A 266 -17.80 8.29 3.97
N TRP A 267 -17.14 9.23 3.30
CA TRP A 267 -17.53 10.63 3.35
C TRP A 267 -17.86 11.08 1.92
N GLU A 268 -19.14 11.35 1.69
CA GLU A 268 -19.63 11.88 0.42
C GLU A 268 -19.37 13.38 0.39
N HIS A 269 -18.49 13.85 -0.49
CA HIS A 269 -18.26 15.29 -0.56
C HIS A 269 -19.54 16.04 -0.95
N PRO A 270 -19.91 17.08 -0.22
CA PRO A 270 -20.98 17.96 -0.66
C PRO A 270 -20.59 18.65 -1.95
N LYS A 271 -21.60 19.14 -2.67
CA LYS A 271 -21.33 19.79 -3.95
C LYS A 271 -20.33 20.94 -3.80
N ASP A 272 -20.42 21.70 -2.70
CA ASP A 272 -19.51 22.83 -2.54
C ASP A 272 -18.10 22.42 -2.12
N LYS A 273 -17.83 21.11 -2.00
CA LYS A 273 -16.49 20.62 -1.71
C LYS A 273 -15.95 19.78 -2.87
N LEU A 274 -16.58 19.84 -4.04
CA LEU A 274 -16.10 19.14 -5.22
C LEU A 274 -15.21 20.06 -6.06
N SER A 275 -14.21 19.47 -6.69
CA SER A 275 -13.46 20.18 -7.72
C SER A 275 -14.38 20.56 -8.87
N HIS A 276 -13.92 21.51 -9.70
CA HIS A 276 -14.75 21.98 -10.81
C HIS A 276 -15.02 20.89 -11.84
N TYR A 277 -14.19 19.84 -11.88
CA TYR A 277 -14.30 18.77 -12.87
C TYR A 277 -14.85 17.46 -12.31
N SER A 278 -15.14 17.38 -11.00
CA SER A 278 -15.63 16.15 -10.39
C SER A 278 -17.14 16.24 -10.24
N ASP A 279 -17.83 15.21 -10.73
CA ASP A 279 -19.27 15.12 -10.54
C ASP A 279 -19.64 14.52 -9.17
N ARG A 280 -18.69 13.85 -8.52
CA ARG A 280 -18.91 13.12 -7.28
C ARG A 280 -17.57 12.68 -6.73
N THR A 281 -17.36 12.86 -5.43
CA THR A 281 -16.17 12.35 -4.79
C THR A 281 -16.54 11.73 -3.46
N VAL A 282 -16.07 10.51 -3.21
CA VAL A 282 -16.30 9.83 -1.94
C VAL A 282 -14.95 9.43 -1.37
N ASP A 283 -14.68 9.81 -0.12
CA ASP A 283 -13.46 9.40 0.55
C ASP A 283 -13.75 8.21 1.46
N ILE A 284 -12.84 7.24 1.44
CA ILE A 284 -12.76 6.24 2.49
C ILE A 284 -11.91 6.84 3.60
N GLU A 285 -12.47 6.95 4.80
CA GLU A 285 -11.79 7.51 5.95
C GLU A 285 -11.52 6.41 6.97
N TYR A 286 -10.39 6.53 7.68
CA TYR A 286 -10.00 5.57 8.70
C TYR A 286 -9.86 6.30 10.04
N LYS A 287 -10.22 5.62 11.13
CA LYS A 287 -10.15 6.21 12.47
C LYS A 287 -8.72 6.01 13.02
N PHE A 288 -7.81 6.87 12.54
CA PHE A 288 -6.41 6.76 12.95
C PHE A 288 -6.22 6.97 14.43
N GLY A 289 -7.01 7.84 15.03
CA GLY A 289 -6.88 8.15 16.44
C GLY A 289 -6.15 9.44 16.73
N PHE A 290 -6.11 10.37 15.78
CA PHE A 290 -5.50 11.68 15.99
C PHE A 290 -6.20 12.42 17.12
N MET A 291 -5.45 13.29 17.79
CA MET A 291 -6.05 14.19 18.74
C MET A 291 -7.06 15.11 18.05
N GLY A 292 -8.09 15.49 18.78
CA GLY A 292 -9.17 16.24 18.17
C GLY A 292 -10.04 15.32 17.36
N ASN A 293 -10.00 15.47 16.05
CA ASN A 293 -10.76 14.61 15.16
C ASN A 293 -9.94 13.36 14.86
N PRO A 294 -10.40 12.17 15.27
CA PRO A 294 -9.57 10.97 15.09
C PRO A 294 -9.62 10.37 13.70
N TRP A 295 -10.45 10.89 12.81
CA TRP A 295 -10.57 10.32 11.48
C TRP A 295 -9.69 11.05 10.46
N GLY A 296 -9.25 10.31 9.45
CA GLY A 296 -8.49 10.90 8.38
C GLY A 296 -8.79 10.20 7.07
N GLU A 297 -8.61 10.93 5.97
CA GLU A 297 -8.73 10.34 4.65
C GLU A 297 -7.76 9.20 4.48
N LEU A 298 -8.24 8.08 3.98
CA LEU A 298 -7.39 6.95 3.61
C LEU A 298 -7.26 6.77 2.10
N GLU A 299 -8.34 6.98 1.37
CA GLU A 299 -8.37 6.81 -0.08
C GLU A 299 -9.49 7.69 -0.62
N GLY A 300 -9.26 8.33 -1.76
CA GLY A 300 -10.29 9.13 -2.43
C GLY A 300 -10.74 8.41 -3.69
N VAL A 301 -12.04 8.37 -3.93
CA VAL A 301 -12.59 7.74 -5.13
C VAL A 301 -13.48 8.77 -5.84
N ALA A 302 -13.00 9.31 -6.96
CA ALA A 302 -13.61 10.45 -7.62
C ALA A 302 -14.09 10.09 -9.02
N ASN A 303 -15.23 10.66 -9.39
CA ASN A 303 -15.65 10.71 -10.79
C ASN A 303 -15.13 12.03 -11.34
N ARG A 304 -14.10 11.93 -12.19
CA ARG A 304 -13.37 13.08 -12.71
C ARG A 304 -13.86 13.51 -14.07
N THR A 305 -15.09 13.12 -14.44
CA THR A 305 -15.68 13.37 -15.75
C THR A 305 -14.61 13.17 -16.84
N ASP A 306 -14.60 14.02 -17.85
CA ASP A 306 -13.66 13.90 -18.96
C ASP A 306 -12.56 14.95 -18.90
N PHE A 307 -12.36 15.56 -17.72
CA PHE A 307 -11.43 16.68 -17.62
C PHE A 307 -9.99 16.28 -17.93
N ASP A 308 -9.56 15.11 -17.47
CA ASP A 308 -8.13 14.78 -17.50
C ASP A 308 -7.64 14.53 -18.91
N LEU A 309 -8.37 13.70 -19.68
CA LEU A 309 -7.94 13.50 -21.07
C LEU A 309 -8.16 14.76 -21.90
N SER A 310 -9.20 15.54 -21.59
CA SER A 310 -9.47 16.74 -22.36
C SER A 310 -8.38 17.76 -22.17
N THR A 311 -7.93 17.95 -20.92
CA THR A 311 -6.95 18.99 -20.70
C THR A 311 -5.61 18.60 -21.33
N HIS A 312 -5.23 17.33 -21.23
CA HIS A 312 -3.97 16.93 -21.84
C HIS A 312 -4.05 16.96 -23.37
N ALA A 313 -5.21 16.63 -23.94
CA ALA A 313 -5.34 16.73 -25.39
C ALA A 313 -5.21 18.17 -25.84
N ARG A 314 -5.81 19.09 -25.09
CA ARG A 314 -5.79 20.49 -25.48
C ARG A 314 -4.38 21.08 -25.35
N HIS A 315 -3.69 20.77 -24.25
CA HIS A 315 -2.36 21.36 -24.06
C HIS A 315 -1.30 20.70 -24.93
N SER A 316 -1.40 19.38 -25.15
CA SER A 316 -0.39 18.68 -25.93
C SER A 316 -0.63 18.76 -27.43
N GLY A 317 -1.88 18.93 -27.85
CA GLY A 317 -2.24 18.81 -29.25
C GLY A 317 -2.41 17.39 -29.76
N VAL A 318 -2.35 16.39 -28.89
CA VAL A 318 -2.52 14.98 -29.25
C VAL A 318 -3.94 14.54 -28.89
N ASP A 319 -4.67 13.98 -29.84
CA ASP A 319 -6.04 13.54 -29.59
C ASP A 319 -6.05 12.37 -28.60
N LEU A 320 -6.70 12.57 -27.46
CA LEU A 320 -6.79 11.50 -26.46
C LEU A 320 -8.20 10.95 -26.36
N SER A 321 -9.01 11.16 -27.40
CA SER A 321 -10.31 10.50 -27.44
C SER A 321 -10.14 9.03 -27.81
N PHE A 322 -11.22 8.27 -27.65
CA PHE A 322 -11.25 6.86 -27.93
C PHE A 322 -12.17 6.60 -29.11
N TYR A 323 -11.73 5.77 -30.05
CA TYR A 323 -12.55 5.38 -31.19
C TYR A 323 -13.10 3.98 -30.96
N ASP A 324 -14.42 3.89 -30.90
CA ASP A 324 -15.17 2.63 -30.76
C ASP A 324 -15.50 2.11 -32.15
N GLN A 325 -14.72 1.12 -32.60
CA GLN A 325 -14.87 0.61 -33.95
C GLN A 325 -16.19 -0.11 -34.12
N ILE A 326 -16.66 -0.80 -33.09
CA ILE A 326 -17.89 -1.57 -33.21
C ILE A 326 -19.07 -0.64 -33.48
N ASN A 327 -19.26 0.35 -32.63
CA ASN A 327 -20.38 1.27 -32.79
C ASN A 327 -20.01 2.49 -33.60
N ASP A 328 -18.84 2.48 -34.23
CA ASP A 328 -18.26 3.65 -34.90
C ASP A 328 -18.71 4.93 -34.21
N VAL A 329 -18.15 5.17 -33.02
CA VAL A 329 -18.35 6.43 -32.32
C VAL A 329 -16.99 6.81 -31.73
N ARG A 330 -16.74 8.12 -31.63
CA ARG A 330 -15.55 8.64 -30.98
C ARG A 330 -16.00 9.47 -29.79
N TYR A 331 -15.38 9.24 -28.63
CA TYR A 331 -15.73 10.01 -27.45
C TYR A 331 -14.53 10.10 -26.53
N THR A 332 -14.59 11.06 -25.60
CA THR A 332 -13.57 11.14 -24.57
C THR A 332 -14.07 10.43 -23.33
N PRO A 333 -13.41 9.35 -22.89
CA PRO A 333 -13.87 8.62 -21.71
C PRO A 333 -13.96 9.49 -20.46
N TYR A 334 -14.94 9.16 -19.63
CA TYR A 334 -14.94 9.63 -18.26
C TYR A 334 -13.99 8.76 -17.45
N VAL A 335 -13.56 9.28 -16.31
CA VAL A 335 -12.58 8.62 -15.44
C VAL A 335 -13.15 8.45 -14.03
N ILE A 336 -13.11 7.22 -13.53
CA ILE A 336 -13.30 6.92 -12.11
C ILE A 336 -11.92 6.64 -11.54
N GLU A 337 -11.57 7.34 -10.48
CA GLU A 337 -10.21 7.27 -9.90
C GLU A 337 -10.19 6.82 -8.45
N PRO A 338 -9.78 5.59 -8.18
CA PRO A 338 -9.41 5.18 -6.81
C PRO A 338 -7.97 5.58 -6.53
N ALA A 339 -7.78 6.54 -5.65
CA ALA A 339 -6.44 7.08 -5.35
C ALA A 339 -6.12 6.74 -3.89
N ALA A 340 -5.30 5.72 -3.70
CA ALA A 340 -4.94 5.21 -2.38
C ALA A 340 -3.48 5.56 -2.06
N GLY A 341 -3.15 5.36 -0.80
CA GLY A 341 -1.84 5.69 -0.30
C GLY A 341 -1.20 4.44 0.26
N LEU A 342 -0.06 4.06 -0.30
CA LEU A 342 0.65 2.89 0.19
C LEU A 342 1.17 3.13 1.60
N THR A 343 1.89 4.23 1.80
CA THR A 343 2.44 4.45 3.13
C THR A 343 1.36 4.88 4.12
N ARG A 344 0.33 5.58 3.67
CA ARG A 344 -0.78 5.87 4.59
C ARG A 344 -1.53 4.58 4.98
N SER A 345 -1.72 3.66 4.03
CA SER A 345 -2.36 2.37 4.32
C SER A 345 -1.54 1.55 5.30
N PHE A 346 -0.22 1.57 5.13
CA PHE A 346 0.69 0.89 6.06
C PHE A 346 0.41 1.32 7.50
N MET A 347 0.25 2.63 7.71
CA MET A 347 -0.06 3.15 9.04
C MET A 347 -1.41 2.64 9.53
N ALA A 348 -2.44 2.67 8.67
CA ALA A 348 -3.76 2.21 9.09
C ALA A 348 -3.77 0.72 9.43
N PHE A 349 -3.13 -0.12 8.61
CA PHE A 349 -3.08 -1.55 8.92
C PHE A 349 -2.37 -1.81 10.26
N LEU A 350 -1.26 -1.13 10.52
CA LEU A 350 -0.58 -1.32 11.80
C LEU A 350 -1.42 -0.88 12.98
N ILE A 351 -2.00 0.33 12.91
CA ILE A 351 -2.80 0.83 14.02
C ILE A 351 -3.98 -0.11 14.27
N ASP A 352 -4.66 -0.53 13.21
CA ASP A 352 -5.84 -1.34 13.42
C ASP A 352 -5.50 -2.70 13.99
N ALA A 353 -4.34 -3.23 13.61
CA ALA A 353 -3.93 -4.54 14.08
C ALA A 353 -3.45 -4.54 15.52
N TYR A 354 -3.04 -3.39 16.05
CA TYR A 354 -2.43 -3.35 17.38
C TYR A 354 -3.45 -3.72 18.44
N THR A 355 -3.10 -4.72 19.26
CA THR A 355 -4.03 -5.24 20.25
C THR A 355 -3.30 -5.49 21.56
N GLU A 356 -3.92 -5.08 22.66
CA GLU A 356 -3.49 -5.48 23.99
C GLU A 356 -4.62 -6.27 24.61
N ASP A 357 -4.37 -7.56 24.86
CA ASP A 357 -5.41 -8.48 25.33
C ASP A 357 -5.01 -9.05 26.68
N LYS A 368 -1.71 -10.65 30.24
CA LYS A 368 -1.59 -9.59 29.24
C LYS A 368 -0.81 -10.07 28.02
N ARG A 369 -1.18 -9.56 26.85
CA ARG A 369 -0.53 -9.85 25.58
C ARG A 369 -0.49 -8.58 24.74
N THR A 370 0.61 -8.39 24.02
CA THR A 370 0.67 -7.44 22.91
C THR A 370 0.76 -8.24 21.63
N VAL A 371 -0.26 -8.11 20.78
CA VAL A 371 -0.34 -8.89 19.55
C VAL A 371 -0.67 -7.95 18.40
N LEU A 372 0.08 -8.06 17.32
CA LEU A 372 -0.21 -7.32 16.09
C LEU A 372 -1.05 -8.26 15.21
N ARG A 373 -2.37 -8.05 15.20
CA ARG A 373 -3.28 -8.99 14.52
C ARG A 373 -3.39 -8.66 13.04
N LEU A 374 -2.26 -8.81 12.34
CA LEU A 374 -2.22 -8.54 10.91
C LEU A 374 -2.75 -9.72 10.12
N ASP A 375 -3.48 -9.43 9.05
CA ASP A 375 -3.85 -10.46 8.09
C ASP A 375 -2.61 -11.27 7.71
N PRO A 376 -2.69 -12.60 7.68
CA PRO A 376 -1.49 -13.39 7.38
C PRO A 376 -0.88 -13.06 6.03
N ARG A 377 -1.68 -12.59 5.07
CA ARG A 377 -1.15 -12.17 3.78
C ARG A 377 -0.32 -10.89 3.87
N LEU A 378 -0.56 -10.06 4.90
CA LEU A 378 0.22 -8.84 5.09
C LEU A 378 1.41 -9.02 6.03
N ALA A 379 1.32 -9.95 6.97
CA ALA A 379 2.34 -10.10 7.99
C ALA A 379 3.72 -10.21 7.35
N PRO A 380 4.72 -9.51 7.88
CA PRO A 380 6.03 -9.51 7.19
C PRO A 380 6.75 -10.84 7.28
N VAL A 381 6.62 -11.52 8.41
CA VAL A 381 7.24 -12.82 8.64
C VAL A 381 6.11 -13.84 8.74
N LYS A 382 6.14 -14.87 7.86
CA LYS A 382 4.99 -15.78 7.81
C LYS A 382 5.06 -16.86 8.89
N ALA A 383 6.27 -17.25 9.26
CA ALA A 383 6.45 -18.28 10.27
C ALA A 383 7.82 -18.09 10.90
N ALA A 384 7.93 -18.46 12.18
CA ALA A 384 9.20 -18.44 12.89
C ALA A 384 9.52 -19.86 13.35
N VAL A 385 10.72 -20.31 13.06
CA VAL A 385 11.20 -21.61 13.49
C VAL A 385 11.97 -21.43 14.77
N LEU A 386 11.53 -22.12 15.83
CA LEU A 386 11.99 -21.90 17.20
C LEU A 386 12.41 -23.23 17.80
N PRO A 387 13.70 -23.53 17.86
CA PRO A 387 14.12 -24.68 18.65
C PRO A 387 13.78 -24.45 20.11
N LEU A 388 13.39 -25.52 20.79
CA LEU A 388 13.00 -25.36 22.18
C LEU A 388 14.13 -24.71 22.98
N SER A 389 15.37 -25.09 22.69
CA SER A 389 16.56 -24.50 23.30
C SER A 389 17.68 -24.53 22.26
N ARG A 390 18.84 -23.99 22.64
CA ARG A 390 20.03 -24.01 21.79
C ARG A 390 20.72 -25.37 21.74
N HIS A 391 20.19 -26.40 22.41
CA HIS A 391 20.81 -27.72 22.40
C HIS A 391 21.21 -28.11 20.98
N ALA A 392 22.39 -28.70 20.85
CA ALA A 392 22.94 -29.02 19.54
C ALA A 392 22.13 -30.10 18.82
N ASP A 393 21.39 -30.93 19.55
CA ASP A 393 20.64 -32.01 18.91
C ASP A 393 19.42 -31.50 18.17
N LEU A 394 18.95 -30.29 18.48
CA LEU A 394 17.76 -29.74 17.85
C LEU A 394 18.08 -28.84 16.66
N SER A 395 19.31 -28.34 16.55
CA SER A 395 19.66 -27.47 15.43
C SER A 395 19.54 -28.16 14.09
N PRO A 396 20.08 -29.36 13.88
CA PRO A 396 19.97 -29.98 12.55
C PRO A 396 18.56 -29.94 12.00
N LYS A 397 17.58 -30.43 12.76
CA LYS A 397 16.21 -30.43 12.29
C LYS A 397 15.69 -29.02 12.13
N ALA A 398 15.91 -28.17 13.13
CA ALA A 398 15.31 -26.83 13.08
C ALA A 398 15.84 -26.05 11.89
N ARG A 399 17.14 -26.18 11.62
CA ARG A 399 17.73 -25.46 10.50
C ARG A 399 17.29 -26.05 9.17
N ASP A 400 17.22 -27.38 9.08
CA ASP A 400 16.68 -27.98 7.87
C ASP A 400 15.26 -27.52 7.61
N LEU A 401 14.45 -27.44 8.66
CA LEU A 401 13.07 -27.00 8.48
C LEU A 401 13.04 -25.53 8.05
N GLY A 402 13.84 -24.68 8.70
CA GLY A 402 13.86 -23.29 8.30
C GLY A 402 14.23 -23.09 6.85
N ALA A 403 15.25 -23.83 6.37
CA ALA A 403 15.67 -23.70 4.98
C ALA A 403 14.57 -24.15 4.03
N GLU A 404 13.84 -25.21 4.38
CA GLU A 404 12.71 -25.66 3.55
C GLU A 404 11.63 -24.59 3.47
N LEU A 405 11.24 -24.02 4.60
CA LEU A 405 10.15 -23.06 4.60
C LEU A 405 10.58 -21.76 3.93
N ARG A 406 11.87 -21.41 4.06
N ARG A 406 11.87 -21.40 4.04
CA ARG A 406 12.34 -20.15 3.49
CA ARG A 406 12.33 -20.14 3.48
C ARG A 406 12.28 -20.16 1.97
C ARG A 406 12.33 -20.16 1.96
N LYS A 407 12.25 -21.33 1.34
CA LYS A 407 12.07 -21.40 -0.09
C LYS A 407 10.70 -20.87 -0.51
N CYS A 408 9.75 -20.83 0.40
CA CYS A 408 8.37 -20.46 0.12
C CYS A 408 7.96 -19.10 0.67
N TRP A 409 8.45 -18.73 1.85
CA TRP A 409 8.00 -17.53 2.55
C TRP A 409 9.17 -16.87 3.25
N ASN A 410 9.02 -15.60 3.59
CA ASN A 410 9.93 -14.99 4.53
C ASN A 410 9.71 -15.59 5.91
N ILE A 411 10.77 -16.15 6.50
CA ILE A 411 10.64 -16.76 7.80
C ILE A 411 11.73 -16.24 8.72
N ASP A 412 11.53 -16.47 10.01
CA ASP A 412 12.52 -16.11 11.00
C ASP A 412 12.95 -17.36 11.72
N PHE A 413 14.17 -17.34 12.22
CA PHE A 413 14.74 -18.40 13.05
C PHE A 413 15.24 -17.74 14.32
N ASP A 414 14.84 -18.27 15.48
CA ASP A 414 15.25 -17.65 16.75
C ASP A 414 15.41 -18.71 17.82
N ASP A 415 16.62 -18.86 18.34
CA ASP A 415 16.86 -19.80 19.43
C ASP A 415 17.27 -19.13 20.74
N ALA A 416 17.13 -17.82 20.86
CA ALA A 416 17.65 -17.07 22.00
C ALA A 416 16.59 -16.89 23.07
N GLY A 417 16.88 -17.33 24.29
CA GLY A 417 16.00 -17.11 25.42
C GLY A 417 14.87 -18.11 25.54
N ALA A 418 14.05 -17.90 26.57
CA ALA A 418 12.95 -18.80 26.85
C ALA A 418 11.95 -18.83 25.71
N ILE A 419 11.41 -20.03 25.44
CA ILE A 419 10.54 -20.23 24.29
C ILE A 419 9.31 -19.34 24.39
N GLY A 420 8.76 -19.18 25.60
CA GLY A 420 7.55 -18.38 25.74
C GLY A 420 7.77 -16.92 25.40
N ARG A 421 8.93 -16.38 25.79
CA ARG A 421 9.25 -15.02 25.37
C ARG A 421 9.45 -14.93 23.88
N ARG A 422 9.97 -15.99 23.25
CA ARG A 422 10.14 -15.94 21.82
C ARG A 422 8.79 -15.96 21.08
N TYR A 423 7.80 -16.70 21.60
CA TYR A 423 6.47 -16.61 21.01
C TYR A 423 5.97 -15.17 21.07
N ARG A 424 6.13 -14.53 22.23
CA ARG A 424 5.63 -13.16 22.43
C ARG A 424 6.35 -12.18 21.51
N ARG A 425 7.64 -12.40 21.25
CA ARG A 425 8.37 -11.53 20.34
C ARG A 425 7.80 -11.60 18.92
N GLN A 426 7.39 -12.80 18.49
CA GLN A 426 6.78 -12.95 17.17
C GLN A 426 5.37 -12.39 17.15
N ASP A 427 4.61 -12.63 18.22
CA ASP A 427 3.25 -12.08 18.27
C ASP A 427 3.26 -10.56 18.09
N GLU A 428 4.26 -9.90 18.68
CA GLU A 428 4.35 -8.45 18.69
C GLU A 428 4.54 -7.88 17.29
N VAL A 429 5.04 -8.67 16.34
CA VAL A 429 5.24 -8.20 14.97
C VAL A 429 4.31 -8.90 14.00
N GLY A 430 3.34 -9.67 14.51
CA GLY A 430 2.27 -10.17 13.66
C GLY A 430 2.51 -11.52 13.04
N THR A 431 3.59 -12.20 13.39
CA THR A 431 3.90 -13.45 12.73
C THR A 431 2.75 -14.44 12.95
N PRO A 432 2.16 -15.01 11.91
CA PRO A 432 0.96 -15.82 12.13
C PRO A 432 1.22 -17.18 12.74
N PHE A 433 2.40 -17.77 12.54
CA PHE A 433 2.69 -19.09 13.07
C PHE A 433 4.09 -19.19 13.63
N CYS A 434 4.19 -19.90 14.75
CA CYS A 434 5.47 -20.32 15.32
C CYS A 434 5.56 -21.84 15.24
N VAL A 435 6.73 -22.33 14.87
CA VAL A 435 6.98 -23.75 14.70
C VAL A 435 8.07 -24.13 15.69
N THR A 436 7.72 -24.94 16.69
CA THR A 436 8.66 -25.32 17.74
C THR A 436 9.18 -26.72 17.51
N VAL A 437 10.50 -26.85 17.50
CA VAL A 437 11.20 -28.12 17.44
C VAL A 437 11.70 -28.45 18.83
N ASP A 438 11.23 -29.56 19.38
CA ASP A 438 11.53 -29.98 20.75
C ASP A 438 12.17 -31.36 20.77
N PHE A 439 12.46 -31.86 21.97
CA PHE A 439 13.17 -33.13 22.05
C PHE A 439 12.27 -34.28 21.61
N ASP A 440 10.95 -34.13 21.74
CA ASP A 440 10.08 -35.17 21.20
C ASP A 440 10.16 -35.21 19.68
N SER A 441 10.45 -34.07 19.05
CA SER A 441 10.60 -34.03 17.60
C SER A 441 11.67 -35.00 17.12
N LEU A 442 12.70 -35.25 17.94
CA LEU A 442 13.77 -36.14 17.53
C LEU A 442 13.32 -37.59 17.46
N GLN A 443 12.18 -37.92 18.08
CA GLN A 443 11.62 -39.27 18.04
C GLN A 443 10.41 -39.39 17.12
N ASP A 444 9.51 -38.41 17.11
CA ASP A 444 8.31 -38.50 16.29
C ASP A 444 8.43 -37.74 14.98
N ASN A 445 9.53 -37.02 14.75
CA ASN A 445 9.75 -36.27 13.53
C ASN A 445 8.57 -35.34 13.23
N ALA A 446 7.99 -34.78 14.29
CA ALA A 446 6.93 -33.80 14.19
C ALA A 446 7.30 -32.58 15.03
N VAL A 447 6.57 -31.48 14.79
CA VAL A 447 6.80 -30.19 15.44
C VAL A 447 5.45 -29.64 15.87
N THR A 448 5.47 -28.70 16.79
CA THR A 448 4.26 -28.02 17.22
C THR A 448 4.16 -26.70 16.45
N VAL A 449 2.99 -26.45 15.88
CA VAL A 449 2.69 -25.21 15.17
C VAL A 449 1.69 -24.45 16.01
N ARG A 450 2.07 -23.25 16.42
CA ARG A 450 1.26 -22.38 17.26
C ARG A 450 0.66 -21.27 16.41
N GLU A 451 -0.64 -21.06 16.55
CA GLU A 451 -1.33 -19.99 15.83
C GLU A 451 -1.37 -18.75 16.69
N ARG A 452 -0.99 -17.61 16.09
CA ARG A 452 -0.79 -16.35 16.82
C ARG A 452 -1.97 -15.95 17.72
N ASP A 453 -3.17 -15.87 17.16
CA ASP A 453 -4.23 -15.19 17.90
C ASP A 453 -4.84 -16.08 18.99
N ALA A 454 -5.20 -17.31 18.65
CA ALA A 454 -5.85 -18.21 19.59
C ALA A 454 -4.86 -19.02 20.38
N MET A 455 -3.61 -19.07 19.94
CA MET A 455 -2.55 -19.89 20.51
C MET A 455 -2.86 -21.38 20.43
N THR A 456 -3.72 -21.80 19.51
CA THR A 456 -3.85 -23.23 19.28
C THR A 456 -2.48 -23.80 18.94
N GLN A 457 -2.24 -25.02 19.38
CA GLN A 457 -0.99 -25.72 19.11
C GLN A 457 -1.35 -27.08 18.55
N ASP A 458 -0.95 -27.32 17.30
CA ASP A 458 -1.15 -28.59 16.63
C ASP A 458 0.21 -29.25 16.44
N ARG A 459 0.25 -30.55 16.67
CA ARG A 459 1.45 -31.34 16.37
C ARG A 459 1.36 -31.81 14.92
N VAL A 460 2.40 -31.50 14.14
CA VAL A 460 2.37 -31.64 12.68
C VAL A 460 3.63 -32.37 12.24
N ALA A 461 3.47 -33.42 11.44
CA ALA A 461 4.63 -34.09 10.86
C ALA A 461 5.52 -33.10 10.13
N MET A 462 6.83 -33.28 10.30
CA MET A 462 7.80 -32.41 9.63
C MET A 462 7.50 -32.27 8.15
N SER A 463 7.26 -33.41 7.49
CA SER A 463 7.02 -33.45 6.06
C SER A 463 5.71 -32.78 5.66
N SER A 464 4.86 -32.44 6.62
CA SER A 464 3.58 -31.80 6.34
C SER A 464 3.51 -30.34 6.77
N VAL A 465 4.58 -29.82 7.37
CA VAL A 465 4.53 -28.46 7.92
C VAL A 465 4.28 -27.44 6.83
N ALA A 466 4.99 -27.56 5.69
CA ALA A 466 4.83 -26.57 4.64
C ALA A 466 3.41 -26.60 4.07
N ASP A 467 2.83 -27.80 3.90
CA ASP A 467 1.45 -27.89 3.43
C ASP A 467 0.49 -27.29 4.45
N TYR A 468 0.73 -27.57 5.73
CA TYR A 468 -0.11 -27.03 6.80
C TYR A 468 -0.10 -25.51 6.77
N LEU A 469 1.09 -24.93 6.61
CA LEU A 469 1.20 -23.48 6.55
C LEU A 469 0.59 -22.94 5.27
N ALA A 470 0.79 -23.61 4.15
CA ALA A 470 0.32 -23.10 2.87
C ALA A 470 -1.18 -22.90 2.85
N VAL A 471 -1.94 -23.83 3.44
CA VAL A 471 -3.40 -23.68 3.42
C VAL A 471 -3.79 -22.43 4.20
N ARG A 472 -3.04 -22.09 5.24
CA ARG A 472 -3.34 -20.97 6.10
C ARG A 472 -2.77 -19.67 5.60
N LEU A 473 -1.80 -19.72 4.70
CA LEU A 473 -1.17 -18.52 4.14
C LEU A 473 -1.61 -18.26 2.71
N LYS A 474 -2.62 -18.97 2.23
CA LYS A 474 -3.04 -18.84 0.85
C LYS A 474 -3.34 -17.40 0.51
N GLY A 475 -2.91 -16.99 -0.67
CA GLY A 475 -3.08 -15.62 -1.13
C GLY A 475 -1.96 -14.67 -0.75
N SER A 476 -0.95 -15.12 -0.02
CA SER A 476 0.16 -14.25 0.37
C SER A 476 0.95 -13.75 -0.85
MG MG B . -4.88 13.58 -7.58
MG MG C . -9.00 14.23 -0.95
CA CA D . 10.35 13.16 11.41
C1 EDO E . -25.50 4.72 -3.05
O1 EDO E . -24.84 5.66 -2.21
C2 EDO E . -26.02 5.48 -4.24
O2 EDO E . -24.95 5.99 -5.02
C1 EDO F . -13.32 -8.40 -12.79
O1 EDO F . -12.66 -9.01 -11.70
C2 EDO F . -12.42 -8.36 -13.99
O2 EDO F . -11.72 -9.57 -14.13
C1 GOL G . -6.52 -8.27 -1.67
O1 GOL G . -6.19 -8.99 -2.86
C2 GOL G . -7.67 -8.81 -0.78
O2 GOL G . -8.72 -7.88 -0.68
C3 GOL G . -8.28 -10.15 -1.09
O3 GOL G . -8.97 -10.48 0.12
N1 IMD H . 11.42 -5.26 -1.91
C2 IMD H . 10.97 -6.01 -2.89
N3 IMD H . 10.97 -5.28 -4.01
C4 IMD H . 11.46 -4.02 -3.72
C5 IMD H . 11.77 -4.01 -2.39
N1 IMD I . -14.98 13.87 7.00
C2 IMD I . -16.26 14.06 7.30
N3 IMD I . -16.49 15.35 7.18
C4 IMD I . -15.34 16.01 6.80
C5 IMD I . -14.38 15.05 6.69
N1 IMD J . -4.71 -25.55 23.08
C2 IMD J . -5.66 -26.47 22.97
N3 IMD J . -5.40 -27.20 21.91
C4 IMD J . -4.23 -26.77 21.33
C5 IMD J . -3.79 -25.72 22.08
N1 IMD K . -12.30 13.94 8.98
C2 IMD K . -11.54 13.20 8.18
N3 IMD K . -10.65 14.02 7.61
C4 IMD K . -10.85 15.30 8.06
C5 IMD K . -11.89 15.24 8.92
N1 IMD L . -4.63 20.51 -7.58
C2 IMD L . -5.36 19.47 -7.96
N3 IMD L . -5.40 19.47 -9.28
C4 IMD L . -4.69 20.53 -9.77
C5 IMD L . -4.19 21.19 -8.69
P AMP M . -4.56 12.88 -3.40
O1P AMP M . -4.32 14.02 -2.49
O2P AMP M . -3.65 12.78 -4.59
O3P AMP M . -6.01 12.57 -3.77
O5' AMP M . -4.13 11.64 -2.50
C5' AMP M . -4.52 10.30 -2.75
C4' AMP M . -4.08 9.45 -1.57
O4' AMP M . -2.64 9.58 -1.43
C3' AMP M . -4.62 9.88 -0.21
O3' AMP M . -5.91 9.34 0.07
C2' AMP M . -3.57 9.35 0.76
O2' AMP M . -3.77 7.95 0.97
C1' AMP M . -2.30 9.53 -0.06
N9 AMP M . -1.56 10.77 0.27
C8 AMP M . -1.83 12.03 -0.18
N7 AMP M . -0.96 12.92 0.32
C5 AMP M . -0.11 12.24 1.13
C6 AMP M . 1.05 12.56 1.95
N6 AMP M . 1.52 13.82 2.00
N1 AMP M . 1.66 11.56 2.64
C2 AMP M . 1.21 10.30 2.57
N3 AMP M . 0.16 9.93 1.83
C4 AMP M . -0.51 10.84 1.09
#